data_7VUP
#
_entry.id   7VUP
#
_cell.length_a   83.987
_cell.length_b   84.289
_cell.length_c   140.565
_cell.angle_alpha   90.000
_cell.angle_beta   90.000
_cell.angle_gamma   90.000
#
_symmetry.space_group_name_H-M   'P 21 21 21'
#
loop_
_entity.id
_entity.type
_entity.pdbx_description
1 polymer 'Nuclear factor NF-kappa-B p52 subunit'
2 polymer "DNA (5'-D(*CP*AP*AP*GP*GP*GP*GP*AP*CP*TP*CP*CP*CP*CP*CP*TP*T)-3')"
3 polymer "DNA (5'-D(*AP*AP*GP*GP*GP*GP*GP*AP*GP*TP*CP*CP*CP*CP*TP*TP*G)-3')"
#
loop_
_entity_poly.entity_id
_entity_poly.type
_entity_poly.pdbx_seq_one_letter_code
_entity_poly.pdbx_strand_id
1 'polypeptide(L)'
;MESCYNPGLDGIIEYDDFKLNSSIVEPKEPAPETADGPYLVIVEQPKQRGFRFRYGCEGPSHGGLPGASSEKGRKTYPTV
KICNYEGPAKIEVDLVTHSDPPRAHAHSLVGKQCSELGICAVSVGPKDMTAQFNNLGVLHVTKKNMMGTMIQKLQRQRLR
SRPQGLTEAEQRELEQEAKELKKVMDLSIVRLRFSAFLRASDGSFSLPLKPVISQPIHDSKSPGASNLKISRMDKTAGSV
RGGDEVYLLCDKVQKDDIEVRFYEDDENGWQAFGDFSPTDVHKQYAIVFRTPPYHKMKIERPVTVFLQLKRKRGGDVSDS
KQFTYYPLVEDKEEVQRKRRKALPTFSQPFGGGSHMGGGSGGAAGGYGGAGGGGSLGFFPSSLAYSPYQSGAGPMGCY
;
A,B
2 'polydeoxyribonucleotide' (DC)(DA)(DA)(DG)(DG)(DG)(DG)(DA)(DC)(DT)(DC)(DC)(DC)(DC)(DC)(DT)(DT)(DC) C
3 'polydeoxyribonucleotide' (DG)(DA)(DA)(DG)(DG)(DG)(DG)(DG)(DA)(DG)(DT)(DC)(DC)(DC)(DC)(DT)(DT)(DG) D
#
# COMPACT_ATOMS: atom_id res chain seq x y z
N THR A 34 48.04 -6.37 -18.21
CA THR A 34 47.94 -5.19 -17.29
C THR A 34 46.88 -4.21 -17.83
N ALA A 35 46.69 -3.07 -17.15
CA ALA A 35 45.85 -1.94 -17.62
C ALA A 35 46.36 -1.46 -18.97
N ASP A 36 47.68 -1.24 -19.10
CA ASP A 36 48.40 -0.47 -20.16
C ASP A 36 47.47 0.22 -21.17
N GLY A 37 46.72 -0.50 -22.02
CA GLY A 37 45.93 0.09 -23.13
C GLY A 37 44.84 1.03 -22.61
N PRO A 38 44.13 1.80 -23.46
CA PRO A 38 42.98 2.64 -23.07
C PRO A 38 41.69 1.94 -22.59
N TYR A 39 41.15 2.48 -21.51
CA TYR A 39 40.09 1.81 -20.72
C TYR A 39 39.14 2.86 -20.13
N LEU A 40 37.90 2.42 -19.91
CA LEU A 40 36.84 3.25 -19.30
C LEU A 40 36.85 2.98 -17.80
N VAL A 41 36.52 3.97 -17.00
CA VAL A 41 36.36 3.74 -15.54
C VAL A 41 35.16 4.54 -15.07
N ILE A 42 34.35 3.94 -14.21
CA ILE A 42 33.19 4.64 -13.60
C ILE A 42 33.70 5.55 -12.49
N VAL A 43 33.69 6.85 -12.75
CA VAL A 43 34.16 7.92 -11.82
C VAL A 43 33.19 8.06 -10.65
N GLU A 44 31.90 7.88 -10.94
CA GLU A 44 30.79 8.03 -9.97
C GLU A 44 29.68 7.06 -10.35
N GLN A 45 29.52 6.01 -9.55
CA GLN A 45 28.52 4.93 -9.83
C GLN A 45 27.07 5.44 -9.69
N PRO A 46 26.09 4.73 -10.28
CA PRO A 46 24.70 5.11 -10.01
C PRO A 46 24.36 4.76 -8.56
N LYS A 47 23.27 5.34 -8.07
CA LYS A 47 22.65 5.04 -6.76
C LYS A 47 22.09 3.63 -6.85
N GLN A 48 22.59 2.76 -5.97
CA GLN A 48 22.19 1.33 -6.01
C GLN A 48 20.76 1.16 -5.47
N ARG A 49 20.26 2.17 -4.75
CA ARG A 49 19.10 2.01 -3.85
C ARG A 49 17.85 2.85 -4.18
N GLY A 50 18.03 4.09 -4.60
CA GLY A 50 16.98 5.09 -4.41
C GLY A 50 16.14 5.42 -5.64
N PHE A 51 16.40 4.75 -6.76
CA PHE A 51 15.80 5.18 -8.05
C PHE A 51 14.52 4.41 -8.36
N ARG A 52 13.53 5.19 -8.78
CA ARG A 52 12.26 4.61 -9.24
C ARG A 52 12.26 4.41 -10.75
N PHE A 53 11.96 3.20 -11.22
CA PHE A 53 11.82 2.88 -12.64
C PHE A 53 10.44 3.37 -13.00
N ARG A 54 10.28 4.01 -14.13
CA ARG A 54 8.94 4.49 -14.57
C ARG A 54 8.33 3.64 -15.68
N TYR A 55 7.02 3.38 -15.57
CA TYR A 55 6.30 2.68 -16.66
C TYR A 55 6.03 3.69 -17.76
N GLY A 56 5.81 3.18 -18.96
CA GLY A 56 5.49 3.99 -20.16
C GLY A 56 4.40 5.00 -19.94
N CYS A 57 3.37 4.63 -19.19
CA CYS A 57 2.24 5.53 -18.90
C CYS A 57 2.63 6.79 -18.09
N GLU A 58 3.53 6.59 -17.14
CA GLU A 58 3.70 7.56 -16.00
C GLU A 58 4.19 8.92 -16.49
N GLY A 59 5.03 8.90 -17.51
CA GLY A 59 5.70 10.11 -17.98
C GLY A 59 7.16 9.85 -18.30
N PRO A 60 7.73 10.70 -19.18
CA PRO A 60 9.16 10.65 -19.44
C PRO A 60 10.04 11.59 -18.60
N SER A 61 9.41 12.56 -17.95
CA SER A 61 10.14 13.64 -17.22
C SER A 61 9.91 13.52 -15.72
N HIS A 62 10.38 12.45 -15.13
CA HIS A 62 10.13 12.18 -13.70
C HIS A 62 11.41 12.19 -12.89
N GLY A 63 12.54 12.55 -13.49
CA GLY A 63 13.78 12.67 -12.71
C GLY A 63 14.87 11.67 -13.09
N GLY A 64 16.11 12.15 -13.07
CA GLY A 64 17.26 11.43 -13.62
C GLY A 64 17.97 10.53 -12.63
N LEU A 65 18.44 9.37 -13.10
CA LEU A 65 19.18 8.41 -12.27
C LEU A 65 20.36 9.18 -11.70
N PRO A 66 20.38 9.42 -10.37
CA PRO A 66 21.49 10.13 -9.71
C PRO A 66 22.72 9.28 -9.34
N GLY A 67 23.78 9.93 -8.84
CA GLY A 67 25.01 9.22 -8.45
C GLY A 67 24.87 8.69 -7.06
N ALA A 68 25.86 7.89 -6.62
CA ALA A 68 25.83 7.23 -5.30
C ALA A 68 26.14 8.25 -4.22
N SER A 69 26.64 9.40 -4.66
CA SER A 69 27.05 10.55 -3.85
C SER A 69 26.10 11.74 -3.84
N SER A 70 24.95 11.61 -4.52
CA SER A 70 23.96 12.73 -4.63
C SER A 70 23.39 13.02 -3.23
N GLU A 71 23.03 14.28 -2.99
CA GLU A 71 22.23 14.73 -1.83
C GLU A 71 21.22 15.73 -2.39
N LYS A 72 20.17 16.07 -1.65
CA LYS A 72 19.03 16.86 -2.20
C LYS A 72 19.56 18.13 -2.89
N GLY A 73 20.62 18.75 -2.34
CA GLY A 73 21.26 19.97 -2.88
C GLY A 73 22.47 19.67 -3.73
N ARG A 74 23.39 18.82 -3.23
CA ARG A 74 24.64 18.47 -3.95
C ARG A 74 24.40 17.26 -4.83
N LYS A 75 23.76 17.50 -5.98
CA LYS A 75 23.33 16.40 -6.87
C LYS A 75 24.49 15.93 -7.72
N THR A 76 24.58 14.64 -7.91
CA THR A 76 25.66 14.01 -8.68
C THR A 76 25.03 12.93 -9.55
N TYR A 77 25.65 12.65 -10.68
CA TYR A 77 25.09 11.80 -11.77
C TYR A 77 26.13 10.76 -12.10
N PRO A 78 25.74 9.61 -12.65
CA PRO A 78 26.74 8.60 -13.04
C PRO A 78 27.77 9.18 -14.00
N THR A 79 29.07 9.05 -13.69
CA THR A 79 30.16 9.58 -14.52
C THR A 79 31.18 8.47 -14.79
N VAL A 80 31.76 8.57 -15.97
CA VAL A 80 32.78 7.61 -16.44
C VAL A 80 33.85 8.40 -17.17
N LYS A 81 35.04 7.85 -17.29
CA LYS A 81 36.14 8.62 -17.88
C LYS A 81 36.97 7.65 -18.72
N ILE A 82 37.43 8.11 -19.88
CA ILE A 82 38.46 7.36 -20.64
C ILE A 82 39.87 7.75 -20.20
N CYS A 83 40.65 6.80 -19.74
CA CYS A 83 41.99 7.03 -19.19
C CYS A 83 42.96 6.42 -20.16
N ASN A 84 44.12 7.04 -20.34
CA ASN A 84 45.20 6.48 -21.20
C ASN A 84 44.78 6.73 -22.63
N TYR A 85 44.24 7.93 -22.84
CA TYR A 85 43.90 8.50 -24.16
C TYR A 85 43.20 9.86 -24.00
N GLU A 86 43.63 10.83 -24.82
CA GLU A 86 43.01 12.17 -25.00
C GLU A 86 42.59 12.27 -26.47
N GLY A 87 41.36 12.70 -26.75
CA GLY A 87 40.87 12.88 -28.13
C GLY A 87 39.37 12.69 -28.24
N PRO A 88 38.81 12.78 -29.47
CA PRO A 88 37.37 12.63 -29.66
C PRO A 88 36.93 11.17 -29.40
N ALA A 89 35.81 11.00 -28.74
CA ALA A 89 35.39 9.66 -28.28
C ALA A 89 33.90 9.69 -28.00
N LYS A 90 33.32 8.52 -28.05
CA LYS A 90 31.87 8.32 -27.95
C LYS A 90 31.64 7.24 -26.90
N ILE A 91 30.88 7.58 -25.85
CA ILE A 91 30.48 6.62 -24.77
C ILE A 91 28.97 6.40 -24.89
N GLU A 92 28.57 5.14 -24.84
CA GLU A 92 27.15 4.75 -24.91
C GLU A 92 26.80 3.86 -23.71
N VAL A 93 25.61 4.05 -23.15
CA VAL A 93 25.14 3.31 -21.96
C VAL A 93 23.87 2.59 -22.37
N ASP A 94 23.66 1.43 -21.78
CA ASP A 94 22.50 0.56 -22.07
C ASP A 94 22.27 -0.31 -20.84
N LEU A 95 21.06 -0.79 -20.66
CA LEU A 95 20.75 -1.64 -19.50
C LEU A 95 21.01 -3.13 -19.75
N VAL A 96 21.83 -3.72 -18.87
CA VAL A 96 22.12 -5.18 -18.94
C VAL A 96 21.63 -5.85 -17.67
N THR A 97 21.54 -7.16 -17.71
CA THR A 97 21.02 -7.96 -16.58
C THR A 97 21.97 -7.91 -15.39
N HIS A 98 21.45 -8.30 -14.25
CA HIS A 98 22.19 -8.35 -12.98
C HIS A 98 23.07 -9.59 -12.97
N SER A 99 22.71 -10.55 -13.82
CA SER A 99 23.49 -11.80 -13.98
C SER A 99 24.86 -11.49 -14.54
N ASP A 100 25.88 -12.19 -14.08
CA ASP A 100 27.26 -11.90 -14.50
C ASP A 100 27.40 -11.92 -16.02
N PRO A 101 26.99 -13.00 -16.71
CA PRO A 101 26.86 -12.97 -18.16
C PRO A 101 25.96 -11.77 -18.48
N PRO A 102 26.53 -10.70 -19.08
CA PRO A 102 25.77 -9.46 -19.29
C PRO A 102 24.98 -9.51 -20.59
N ARG A 103 23.71 -9.83 -20.40
CA ARG A 103 22.73 -9.82 -21.48
C ARG A 103 21.88 -8.55 -21.33
N ALA A 104 21.47 -8.01 -22.47
CA ALA A 104 20.63 -6.80 -22.58
C ALA A 104 19.34 -7.02 -21.79
N HIS A 105 18.82 -5.92 -21.22
CA HIS A 105 17.61 -5.98 -20.35
C HIS A 105 16.35 -5.57 -21.11
N ALA A 106 15.22 -6.12 -20.70
CA ALA A 106 13.91 -5.84 -21.28
C ALA A 106 13.62 -4.36 -21.10
N HIS A 107 14.17 -3.75 -20.06
CA HIS A 107 14.03 -2.30 -19.77
C HIS A 107 14.84 -1.48 -20.76
N SER A 108 14.38 -0.27 -21.05
CA SER A 108 15.12 0.69 -21.91
C SER A 108 15.46 2.00 -21.20
N LEU A 109 16.60 2.57 -21.54
CA LEU A 109 16.94 3.93 -21.05
C LEU A 109 16.24 4.97 -21.92
N VAL A 110 15.56 5.90 -21.27
CA VAL A 110 14.94 7.03 -22.00
C VAL A 110 15.61 8.35 -21.56
N GLY A 111 15.74 9.30 -22.48
CA GLY A 111 16.27 10.64 -22.15
C GLY A 111 16.74 11.45 -23.34
N LYS A 112 17.28 12.64 -23.04
CA LYS A 112 17.59 13.64 -24.08
C LYS A 112 18.63 13.06 -25.04
N GLN A 113 19.54 12.20 -24.56
CA GLN A 113 20.73 11.72 -25.29
C GLN A 113 20.43 10.40 -26.05
N CYS A 114 19.23 9.81 -25.92
CA CYS A 114 19.00 8.35 -26.07
C CYS A 114 18.27 7.98 -27.36
N SER A 115 18.54 6.76 -27.81
CA SER A 115 17.85 6.00 -28.87
C SER A 115 16.61 5.35 -28.28
N GLU A 116 15.78 4.95 -29.20
CA GLU A 116 14.53 4.22 -28.93
C GLU A 116 14.78 2.79 -28.46
N LEU A 117 15.99 2.29 -28.69
CA LEU A 117 16.37 0.91 -28.35
C LEU A 117 16.93 0.92 -26.93
N GLY A 118 17.04 2.09 -26.33
CA GLY A 118 17.51 2.17 -24.93
C GLY A 118 19.01 2.47 -24.86
N ILE A 119 19.59 3.07 -25.89
CA ILE A 119 21.05 3.24 -25.92
C ILE A 119 21.34 4.74 -25.88
N CYS A 120 22.10 5.14 -24.88
CA CYS A 120 22.37 6.57 -24.69
C CYS A 120 23.81 6.80 -25.14
N ALA A 121 24.03 7.91 -25.82
CA ALA A 121 25.33 8.17 -26.47
C ALA A 121 25.73 9.60 -26.13
N VAL A 122 26.95 9.71 -25.64
CA VAL A 122 27.60 11.02 -25.45
C VAL A 122 28.99 11.09 -26.11
N SER A 123 29.42 12.32 -26.32
CA SER A 123 30.69 12.62 -27.01
C SER A 123 31.63 13.29 -26.00
N VAL A 124 32.82 12.73 -25.75
CA VAL A 124 33.84 13.46 -24.96
C VAL A 124 34.77 14.18 -25.95
N GLY A 125 34.77 15.51 -25.82
CA GLY A 125 35.84 16.40 -26.37
C GLY A 125 37.28 16.01 -26.01
N PRO A 126 38.27 16.40 -26.86
CA PRO A 126 39.65 15.98 -26.64
C PRO A 126 40.29 16.47 -25.34
N LYS A 127 39.75 17.58 -24.84
CA LYS A 127 40.12 18.17 -23.54
C LYS A 127 39.65 17.24 -22.43
N ASP A 128 38.33 17.10 -22.31
CA ASP A 128 37.66 16.51 -21.13
C ASP A 128 37.18 15.12 -21.50
N MET A 129 37.77 14.10 -20.87
CA MET A 129 37.52 12.70 -21.23
C MET A 129 36.57 12.06 -20.24
N THR A 130 35.82 12.87 -19.52
CA THR A 130 34.78 12.43 -18.57
C THR A 130 33.40 12.69 -19.14
N ALA A 131 32.51 11.70 -19.04
CA ALA A 131 31.13 11.82 -19.51
C ALA A 131 30.21 11.67 -18.31
N GLN A 132 29.41 12.69 -18.07
CA GLN A 132 28.30 12.66 -17.09
C GLN A 132 26.98 12.31 -17.77
N PHE A 133 26.12 11.57 -17.08
CA PHE A 133 24.77 11.21 -17.56
C PHE A 133 23.74 11.60 -16.51
N ASN A 134 23.18 12.78 -16.73
CA ASN A 134 22.40 13.49 -15.70
C ASN A 134 20.91 13.37 -15.98
N ASN A 135 20.53 12.69 -17.05
CA ASN A 135 19.12 12.65 -17.49
C ASN A 135 18.70 11.23 -17.79
N LEU A 136 19.23 10.25 -17.08
CA LEU A 136 18.94 8.84 -17.40
C LEU A 136 17.70 8.35 -16.67
N GLY A 137 16.72 7.86 -17.43
CA GLY A 137 15.53 7.20 -16.91
C GLY A 137 15.45 5.77 -17.33
N VAL A 138 14.65 4.97 -16.65
CA VAL A 138 14.50 3.53 -16.92
C VAL A 138 13.04 3.31 -17.21
N LEU A 139 12.70 2.99 -18.44
CA LEU A 139 11.31 2.69 -18.83
C LEU A 139 11.03 1.27 -18.39
N HIS A 140 10.08 1.09 -17.50
CA HIS A 140 9.76 -0.26 -16.97
C HIS A 140 8.80 -1.05 -17.88
N VAL A 141 9.26 -2.19 -18.40
CA VAL A 141 8.46 -2.94 -19.39
C VAL A 141 7.37 -3.69 -18.65
N THR A 142 6.21 -3.77 -19.28
CA THR A 142 5.04 -4.51 -18.79
C THR A 142 5.28 -6.00 -19.01
N LYS A 143 4.73 -6.83 -18.14
CA LYS A 143 4.95 -8.30 -18.25
C LYS A 143 4.18 -8.82 -19.46
N LYS A 144 3.22 -8.05 -19.95
CA LYS A 144 2.43 -8.39 -21.14
C LYS A 144 3.21 -7.94 -22.37
N ASN A 145 4.19 -7.06 -22.14
CA ASN A 145 4.96 -6.40 -23.19
C ASN A 145 6.28 -7.10 -23.46
N MET A 146 6.74 -7.75 -22.40
CA MET A 146 8.17 -8.12 -22.17
C MET A 146 8.76 -8.88 -23.36
N MET A 147 8.05 -9.91 -23.81
CA MET A 147 8.56 -10.78 -24.88
C MET A 147 8.73 -10.04 -26.20
N GLY A 148 7.68 -9.36 -26.66
CA GLY A 148 7.77 -8.58 -27.89
C GLY A 148 8.86 -7.51 -27.85
N THR A 149 8.96 -6.82 -26.72
CA THR A 149 9.97 -5.75 -26.52
C THR A 149 11.34 -6.41 -26.53
N MET A 150 11.41 -7.60 -25.94
CA MET A 150 12.66 -8.36 -25.88
C MET A 150 13.06 -8.94 -27.25
N ILE A 151 12.18 -9.58 -28.01
CA ILE A 151 12.60 -10.11 -29.35
C ILE A 151 13.01 -8.93 -30.25
N GLN A 152 12.33 -7.78 -30.10
CA GLN A 152 12.72 -6.59 -30.89
C GLN A 152 14.21 -6.30 -30.71
N LYS A 153 14.62 -6.25 -29.46
CA LYS A 153 16.05 -6.02 -29.11
C LYS A 153 16.97 -7.12 -29.62
N LEU A 154 16.60 -8.38 -29.35
CA LEU A 154 17.36 -9.55 -29.83
C LEU A 154 17.55 -9.52 -31.35
N GLN A 155 16.63 -8.84 -32.04
CA GLN A 155 16.67 -8.72 -33.52
C GLN A 155 17.70 -7.67 -33.91
N ARG A 156 17.46 -6.45 -33.48
CA ARG A 156 18.35 -5.31 -33.72
C ARG A 156 19.79 -5.75 -33.53
N GLN A 157 19.99 -6.70 -32.61
CA GLN A 157 21.36 -6.98 -32.09
C GLN A 157 22.02 -7.98 -33.03
N ARG A 158 21.32 -9.08 -33.35
CA ARG A 158 21.86 -10.10 -34.26
C ARG A 158 21.14 -10.05 -35.61
N LEU A 159 21.03 -8.85 -36.22
CA LEU A 159 20.59 -8.49 -37.59
C LEU A 159 21.75 -7.85 -38.33
N ARG A 160 22.77 -7.36 -37.61
CA ARG A 160 24.05 -6.87 -38.18
C ARG A 160 24.96 -8.07 -38.46
N SER A 161 24.73 -9.19 -37.77
CA SER A 161 25.39 -10.51 -37.99
C SER A 161 24.98 -11.09 -39.35
N ARG A 162 23.79 -10.73 -39.85
CA ARG A 162 23.28 -11.04 -41.22
C ARG A 162 22.38 -9.90 -41.66
N PRO A 163 22.93 -8.83 -42.29
CA PRO A 163 22.22 -7.56 -42.48
C PRO A 163 21.15 -7.48 -43.56
N GLN A 164 21.01 -8.55 -44.33
CA GLN A 164 20.03 -8.65 -45.44
C GLN A 164 18.70 -9.20 -44.92
N GLY A 165 18.79 -10.23 -44.11
CA GLY A 165 17.57 -10.82 -43.52
C GLY A 165 17.89 -11.86 -42.51
N LEU A 166 16.84 -12.49 -41.94
CA LEU A 166 16.98 -13.51 -40.92
C LEU A 166 16.19 -14.71 -41.38
N THR A 167 16.70 -15.87 -41.01
CA THR A 167 16.08 -17.19 -41.28
C THR A 167 15.07 -17.55 -40.19
N GLU A 168 13.96 -18.14 -40.63
CA GLU A 168 12.88 -18.60 -39.73
C GLU A 168 13.43 -19.52 -38.66
N ALA A 169 14.46 -20.30 -39.00
CA ALA A 169 15.07 -21.25 -38.08
C ALA A 169 15.68 -20.42 -36.96
N GLU A 170 16.40 -19.38 -37.33
CA GLU A 170 17.10 -18.51 -36.38
C GLU A 170 16.11 -17.70 -35.59
N GLN A 171 14.99 -17.35 -36.21
CA GLN A 171 13.92 -16.56 -35.57
C GLN A 171 13.10 -17.39 -34.60
N ARG A 172 12.93 -18.68 -34.89
CA ARG A 172 12.44 -19.69 -33.91
C ARG A 172 13.38 -19.74 -32.70
N GLU A 173 14.69 -19.80 -32.94
CA GLU A 173 15.70 -19.95 -31.86
C GLU A 173 15.98 -18.62 -31.15
N LEU A 174 15.61 -17.52 -31.79
CA LEU A 174 15.79 -16.17 -31.23
C LEU A 174 14.67 -16.04 -30.21
N GLU A 175 13.48 -16.52 -30.57
CA GLU A 175 12.32 -16.50 -29.64
C GLU A 175 12.58 -17.46 -28.49
N GLN A 176 13.46 -18.44 -28.71
CA GLN A 176 13.80 -19.43 -27.68
C GLN A 176 14.67 -18.78 -26.61
N GLU A 177 15.50 -17.82 -26.98
CA GLU A 177 16.34 -17.15 -25.98
C GLU A 177 15.39 -16.34 -25.11
N ALA A 178 14.59 -15.55 -25.78
CA ALA A 178 13.64 -14.60 -25.18
C ALA A 178 12.81 -15.26 -24.06
N LYS A 179 12.28 -16.43 -24.41
CA LYS A 179 11.42 -17.22 -23.51
C LYS A 179 12.18 -17.63 -22.26
N GLU A 180 13.35 -18.23 -22.44
CA GLU A 180 14.20 -18.68 -21.33
C GLU A 180 14.79 -17.54 -20.50
N LEU A 181 14.62 -16.30 -20.96
CA LEU A 181 15.24 -15.12 -20.36
C LEU A 181 14.16 -14.45 -19.56
N LYS A 182 12.92 -14.55 -20.06
CA LYS A 182 11.73 -13.98 -19.44
C LYS A 182 11.37 -14.82 -18.21
N LYS A 183 11.89 -16.04 -18.12
CA LYS A 183 11.56 -16.93 -16.97
C LYS A 183 12.43 -16.64 -15.73
N VAL A 184 13.61 -16.08 -15.94
CA VAL A 184 14.66 -15.84 -14.91
C VAL A 184 14.98 -14.36 -14.74
N MET A 185 14.49 -13.50 -15.63
CA MET A 185 14.97 -12.09 -15.68
C MET A 185 14.38 -11.28 -14.53
N ASP A 186 15.28 -10.65 -13.77
CA ASP A 186 14.88 -9.72 -12.68
C ASP A 186 14.58 -8.35 -13.26
N LEU A 187 13.32 -7.96 -13.18
CA LEU A 187 12.83 -6.64 -13.61
C LEU A 187 12.90 -5.59 -12.50
N SER A 188 13.49 -5.95 -11.36
CA SER A 188 13.74 -5.02 -10.25
C SER A 188 15.20 -4.58 -10.22
N ILE A 189 16.04 -5.29 -10.96
CA ILE A 189 17.49 -4.97 -10.88
C ILE A 189 18.13 -4.87 -12.27
N VAL A 190 18.84 -3.78 -12.51
CA VAL A 190 19.50 -3.50 -13.79
C VAL A 190 20.94 -3.07 -13.51
N ARG A 191 21.77 -3.10 -14.54
CA ARG A 191 23.15 -2.59 -14.47
C ARG A 191 23.37 -1.73 -15.70
N LEU A 192 24.02 -0.59 -15.50
CA LEU A 192 24.42 0.28 -16.63
C LEU A 192 25.64 -0.37 -17.25
N ARG A 193 25.71 -0.37 -18.57
CA ARG A 193 26.89 -0.87 -19.29
C ARG A 193 27.34 0.25 -20.20
N PHE A 194 28.52 0.75 -19.92
CA PHE A 194 29.18 1.81 -20.70
C PHE A 194 30.09 1.15 -21.72
N SER A 195 29.89 1.51 -22.97
CA SER A 195 30.72 1.06 -24.09
C SER A 195 31.33 2.30 -24.68
N ALA A 196 32.63 2.47 -24.47
CA ALA A 196 33.39 3.61 -25.01
C ALA A 196 33.96 3.32 -26.41
N PHE A 197 33.92 4.32 -27.29
CA PHE A 197 34.45 4.16 -28.67
C PHE A 197 35.32 5.34 -29.06
N LEU A 198 36.59 5.07 -29.34
CA LEU A 198 37.54 6.07 -29.80
C LEU A 198 37.31 6.26 -31.29
N ARG A 199 36.88 7.47 -31.64
CA ARG A 199 36.94 8.01 -33.04
C ARG A 199 38.35 7.84 -33.64
N ALA A 200 38.43 7.26 -34.84
CA ALA A 200 39.66 7.05 -35.64
C ALA A 200 39.93 8.29 -36.51
N SER A 201 41.01 8.26 -37.30
CA SER A 201 41.42 9.31 -38.28
C SER A 201 40.29 9.61 -39.27
N ASP A 202 39.60 8.57 -39.76
CA ASP A 202 38.48 8.65 -40.74
C ASP A 202 37.54 9.81 -40.35
N GLY A 203 37.09 9.81 -39.10
CA GLY A 203 35.88 10.52 -38.63
C GLY A 203 34.90 9.54 -38.02
N SER A 204 35.16 8.24 -38.22
CA SER A 204 34.37 7.08 -37.71
C SER A 204 34.75 6.80 -36.25
N PHE A 205 33.75 6.78 -35.34
CA PHE A 205 33.90 6.43 -33.90
C PHE A 205 33.92 4.91 -33.77
N SER A 206 34.88 4.26 -34.44
CA SER A 206 34.85 2.83 -34.82
C SER A 206 35.68 1.96 -33.90
N LEU A 207 36.57 2.54 -33.10
CA LEU A 207 37.46 1.78 -32.18
C LEU A 207 36.76 1.51 -30.86
N PRO A 208 36.65 0.21 -30.46
CA PRO A 208 36.12 -0.15 -29.14
C PRO A 208 37.14 -0.12 -27.99
N LEU A 209 36.69 0.20 -26.79
CA LEU A 209 37.37 0.00 -25.51
C LEU A 209 36.66 -1.15 -24.83
N LYS A 210 37.24 -1.66 -23.77
CA LYS A 210 36.58 -2.68 -22.90
C LYS A 210 35.29 -2.14 -22.29
N PRO A 211 34.12 -2.84 -22.38
CA PRO A 211 32.92 -2.37 -21.72
C PRO A 211 32.90 -2.58 -20.21
N VAL A 212 32.53 -1.51 -19.51
CA VAL A 212 32.54 -1.45 -18.04
C VAL A 212 31.11 -1.48 -17.48
N ILE A 213 30.82 -2.52 -16.71
CA ILE A 213 29.50 -2.67 -16.03
C ILE A 213 29.47 -2.14 -14.60
N SER A 214 28.48 -1.30 -14.33
CA SER A 214 28.26 -0.65 -13.02
C SER A 214 27.71 -1.67 -12.03
N GLN A 215 27.63 -1.26 -10.78
CA GLN A 215 27.04 -2.08 -9.72
C GLN A 215 25.53 -2.09 -9.93
N PRO A 216 24.81 -3.08 -9.36
CA PRO A 216 23.38 -3.25 -9.61
C PRO A 216 22.54 -2.03 -9.19
N ILE A 217 21.37 -1.88 -9.78
CA ILE A 217 20.54 -0.71 -9.49
C ILE A 217 19.19 -1.29 -9.16
N HIS A 218 18.73 -1.07 -7.96
CA HIS A 218 17.40 -1.60 -7.55
C HIS A 218 16.30 -0.58 -7.85
N ASP A 219 15.17 -1.11 -8.34
CA ASP A 219 13.92 -0.37 -8.40
C ASP A 219 13.48 -0.13 -6.96
N SER A 220 13.34 1.17 -6.61
CA SER A 220 12.92 1.57 -5.24
C SER A 220 11.44 1.29 -5.04
N LYS A 221 10.67 1.38 -6.11
CA LYS A 221 9.23 1.06 -6.00
C LYS A 221 8.96 -0.39 -6.31
N SER A 222 9.96 -1.23 -6.11
CA SER A 222 9.85 -2.68 -6.35
C SER A 222 9.81 -3.42 -5.01
N PRO A 223 9.49 -4.75 -5.01
CA PRO A 223 9.17 -5.46 -3.76
C PRO A 223 10.19 -5.40 -2.63
N GLY A 224 9.93 -4.52 -1.66
CA GLY A 224 10.66 -4.47 -0.38
C GLY A 224 12.16 -4.53 -0.53
N ALA A 225 12.83 -5.08 0.47
CA ALA A 225 14.30 -5.28 0.50
C ALA A 225 15.09 -4.05 0.06
N SER A 226 14.56 -2.88 0.38
CA SER A 226 15.25 -1.58 0.13
C SER A 226 16.00 -1.09 1.36
N ASN A 227 15.96 0.23 1.62
CA ASN A 227 16.82 0.78 2.68
C ASN A 227 16.12 0.84 4.03
N LEU A 228 16.52 -0.06 4.92
CA LEU A 228 15.94 -0.08 6.27
C LEU A 228 16.29 1.24 6.94
N LYS A 229 15.31 1.90 7.53
CA LYS A 229 15.54 3.22 8.15
C LYS A 229 14.92 3.28 9.55
N ILE A 230 15.66 3.80 10.51
CA ILE A 230 15.07 4.09 11.82
C ILE A 230 14.75 5.57 11.77
N SER A 231 13.46 5.88 11.77
CA SER A 231 12.92 7.26 11.74
C SER A 231 13.18 7.90 13.07
N ARG A 232 12.63 7.28 14.12
CA ARG A 232 12.88 7.70 15.51
C ARG A 232 12.45 6.62 16.47
N MET A 233 12.94 6.70 17.70
CA MET A 233 12.53 5.78 18.76
C MET A 233 12.17 6.58 19.99
N ASP A 234 11.27 5.97 20.77
CA ASP A 234 10.76 6.67 21.96
C ASP A 234 11.83 6.74 23.07
N LYS A 235 12.61 5.68 23.35
CA LYS A 235 13.75 5.68 24.29
C LYS A 235 15.06 5.39 23.58
N THR A 236 16.12 6.01 24.09
CA THR A 236 17.51 5.76 23.68
C THR A 236 18.36 5.26 24.83
N ALA A 237 17.73 4.82 25.91
CA ALA A 237 18.42 4.50 27.15
C ALA A 237 17.59 3.43 27.86
N GLY A 238 18.20 2.92 28.90
CA GLY A 238 17.75 1.68 29.54
C GLY A 238 18.55 1.43 30.78
N SER A 239 18.20 0.37 31.47
CA SER A 239 19.08 -0.27 32.48
C SER A 239 19.76 -1.44 31.82
N VAL A 240 20.92 -1.83 32.35
CA VAL A 240 21.72 -2.99 31.91
C VAL A 240 20.83 -4.24 31.88
N ARG A 241 19.76 -4.23 32.65
CA ARG A 241 18.84 -5.38 32.87
C ARG A 241 18.05 -5.70 31.60
N GLY A 242 17.83 -4.67 30.77
CA GLY A 242 16.86 -4.77 29.68
C GLY A 242 15.44 -4.80 30.17
N GLY A 243 14.60 -5.20 29.24
CA GLY A 243 13.15 -5.39 29.44
C GLY A 243 12.42 -4.09 29.35
N ASP A 244 13.13 -3.02 29.01
CA ASP A 244 12.53 -1.68 28.82
C ASP A 244 11.89 -1.62 27.44
N GLU A 245 10.62 -1.23 27.40
CA GLU A 245 9.83 -1.17 26.14
C GLU A 245 10.09 0.13 25.37
N VAL A 246 10.51 -0.05 24.13
CA VAL A 246 10.81 1.02 23.13
C VAL A 246 9.85 0.94 21.93
N TYR A 247 9.31 2.08 21.52
CA TYR A 247 8.50 2.25 20.30
C TYR A 247 9.44 2.75 19.23
N LEU A 248 9.67 1.97 18.20
CA LEU A 248 10.60 2.34 17.11
C LEU A 248 9.79 2.59 15.85
N LEU A 249 9.94 3.75 15.23
CA LEU A 249 9.24 4.09 13.98
C LEU A 249 10.22 3.78 12.85
N CYS A 250 9.81 3.00 11.87
CA CYS A 250 10.72 2.65 10.75
C CYS A 250 10.05 2.75 9.38
N ASP A 251 10.82 2.57 8.30
CA ASP A 251 10.23 2.39 6.97
C ASP A 251 9.74 0.96 6.93
N LYS A 252 8.89 0.66 5.97
CA LYS A 252 8.22 -0.68 5.87
C LYS A 252 9.13 -1.89 6.14
N VAL A 253 8.77 -2.73 7.11
CA VAL A 253 9.59 -3.90 7.47
C VAL A 253 8.63 -5.06 7.64
N GLN A 254 8.74 -6.04 6.77
CA GLN A 254 7.82 -7.20 6.86
C GLN A 254 8.03 -7.93 8.19
N LYS A 255 6.93 -8.10 8.94
CA LYS A 255 6.98 -8.81 10.26
C LYS A 255 7.86 -10.04 10.10
N ASP A 256 7.75 -10.66 8.94
CA ASP A 256 8.45 -11.94 8.68
C ASP A 256 9.94 -11.75 8.87
N ASP A 257 10.50 -10.83 8.11
CA ASP A 257 11.97 -10.63 8.06
C ASP A 257 12.36 -9.32 8.75
N ILE A 258 12.50 -9.40 10.06
CA ILE A 258 12.94 -8.19 10.81
C ILE A 258 13.33 -8.60 12.23
N GLU A 259 14.43 -8.01 12.69
CA GLU A 259 14.89 -8.08 14.07
C GLU A 259 15.51 -6.76 14.48
N VAL A 260 15.87 -6.68 15.77
CA VAL A 260 16.44 -5.45 16.35
C VAL A 260 17.72 -5.87 17.04
N ARG A 261 18.80 -5.72 16.28
CA ARG A 261 20.16 -6.18 16.62
C ARG A 261 20.88 -5.15 17.46
N PHE A 262 21.21 -5.50 18.71
CA PHE A 262 22.03 -4.64 19.58
C PHE A 262 23.46 -5.21 19.78
N TYR A 263 24.46 -4.42 19.36
CA TYR A 263 25.82 -4.91 19.08
C TYR A 263 26.84 -3.83 19.47
N GLU A 264 28.04 -4.26 19.85
CA GLU A 264 29.27 -3.45 19.84
C GLU A 264 30.15 -4.10 18.80
N ASP A 265 30.89 -3.29 18.05
CA ASP A 265 31.65 -3.73 16.86
C ASP A 265 33.08 -4.03 17.34
N ASP A 266 33.74 -3.05 17.96
CA ASP A 266 35.12 -3.21 18.49
C ASP A 266 35.20 -4.50 19.32
N GLU A 267 34.48 -4.53 20.45
CA GLU A 267 34.71 -5.52 21.54
C GLU A 267 34.26 -6.90 21.09
N ASN A 268 35.05 -7.55 20.22
CA ASN A 268 34.92 -8.98 19.81
C ASN A 268 33.46 -9.32 19.45
N GLY A 269 32.63 -8.30 19.22
CA GLY A 269 31.26 -8.41 18.65
C GLY A 269 30.21 -9.05 19.55
N TRP A 270 29.80 -8.39 20.64
CA TRP A 270 28.57 -8.79 21.38
C TRP A 270 27.35 -8.53 20.52
N GLN A 271 26.38 -9.42 20.57
CA GLN A 271 25.15 -9.22 19.78
C GLN A 271 23.98 -9.82 20.51
N ALA A 272 22.84 -9.14 20.55
CA ALA A 272 21.63 -9.62 21.21
C ALA A 272 20.46 -8.95 20.53
N PHE A 273 19.25 -9.29 20.91
CA PHE A 273 18.06 -8.87 20.12
C PHE A 273 16.86 -8.35 20.93
N GLY A 274 16.05 -7.54 20.25
CA GLY A 274 14.82 -6.98 20.82
C GLY A 274 13.75 -8.05 20.99
N ASP A 275 12.93 -7.92 22.00
CA ASP A 275 12.07 -9.04 22.43
C ASP A 275 10.70 -8.76 21.90
N PHE A 276 10.38 -9.15 20.67
CA PHE A 276 9.12 -8.72 20.05
C PHE A 276 8.46 -9.85 19.25
N SER A 277 7.15 -9.92 19.30
CA SER A 277 6.35 -10.84 18.46
C SER A 277 5.94 -10.09 17.20
N PRO A 278 5.74 -10.76 16.06
CA PRO A 278 5.20 -10.07 14.89
C PRO A 278 3.98 -9.16 15.13
N THR A 279 3.19 -9.47 16.15
CA THR A 279 2.00 -8.70 16.58
C THR A 279 2.46 -7.33 17.03
N ASP A 280 3.71 -7.28 17.49
CA ASP A 280 4.32 -6.07 18.04
C ASP A 280 4.83 -5.15 16.95
N VAL A 281 4.98 -5.69 15.75
CA VAL A 281 5.38 -4.89 14.57
C VAL A 281 4.07 -4.38 14.02
N HIS A 282 3.87 -3.09 14.18
CA HIS A 282 2.60 -2.38 13.86
C HIS A 282 2.49 -1.90 12.41
N LYS A 283 1.59 -2.49 11.62
CA LYS A 283 1.35 -2.08 10.22
C LYS A 283 2.66 -1.83 9.47
N GLN A 284 3.67 -2.68 9.73
CA GLN A 284 5.02 -2.68 9.11
C GLN A 284 5.76 -1.34 9.15
N TYR A 285 5.32 -0.40 9.99
CA TYR A 285 5.99 0.92 10.15
C TYR A 285 6.39 1.29 11.59
N ALA A 286 6.20 0.37 12.52
CA ALA A 286 6.62 0.55 13.90
C ALA A 286 6.86 -0.82 14.48
N ILE A 287 7.72 -0.84 15.48
CA ILE A 287 8.08 -2.03 16.27
C ILE A 287 7.98 -1.64 17.74
N VAL A 288 7.18 -2.37 18.52
CA VAL A 288 7.18 -2.10 19.98
C VAL A 288 7.91 -3.27 20.57
N PHE A 289 9.09 -3.03 21.10
CA PHE A 289 9.94 -4.12 21.61
C PHE A 289 10.53 -3.81 22.98
N ARG A 290 10.92 -4.88 23.65
CA ARG A 290 11.55 -4.79 24.98
C ARG A 290 13.05 -5.01 24.79
N THR A 291 13.85 -4.07 25.27
CA THR A 291 15.34 -4.10 25.16
C THR A 291 15.93 -5.36 25.74
N PRO A 292 17.05 -5.88 25.19
CA PRO A 292 17.66 -7.04 25.80
C PRO A 292 18.61 -6.63 26.90
N PRO A 293 18.98 -7.53 27.84
CA PRO A 293 19.99 -7.16 28.82
C PRO A 293 21.38 -7.08 28.18
N TYR A 294 22.21 -6.14 28.63
CA TYR A 294 23.63 -6.05 28.25
C TYR A 294 24.38 -7.28 28.77
N HIS A 295 25.45 -7.68 28.09
CA HIS A 295 26.16 -8.94 28.41
C HIS A 295 26.77 -8.95 29.83
N LYS A 296 27.18 -7.78 30.32
CA LYS A 296 27.98 -7.64 31.55
C LYS A 296 27.24 -6.72 32.52
N MET A 297 26.60 -7.30 33.53
CA MET A 297 25.94 -6.55 34.63
C MET A 297 26.99 -6.06 35.61
N LYS A 298 26.54 -5.23 36.54
CA LYS A 298 27.40 -4.45 37.46
C LYS A 298 28.51 -3.71 36.70
N ILE A 299 28.13 -2.99 35.66
CA ILE A 299 29.05 -2.01 35.01
C ILE A 299 29.13 -0.74 35.85
N GLU A 300 30.35 -0.25 36.07
CA GLU A 300 30.51 0.87 37.02
C GLU A 300 29.71 2.08 36.51
N ARG A 301 29.72 2.26 35.20
CA ARG A 301 29.18 3.46 34.60
C ARG A 301 28.49 3.05 33.31
N PRO A 302 27.65 3.96 32.79
CA PRO A 302 26.98 3.79 31.50
C PRO A 302 27.84 3.22 30.38
N VAL A 303 27.29 2.30 29.59
CA VAL A 303 27.95 1.75 28.39
C VAL A 303 27.13 2.03 27.15
N THR A 304 27.71 2.67 26.14
CA THR A 304 26.99 2.99 24.90
C THR A 304 27.16 1.83 23.94
N VAL A 305 26.03 1.38 23.42
CA VAL A 305 25.97 0.26 22.46
C VAL A 305 25.24 0.83 21.28
N PHE A 306 25.15 0.03 20.24
CA PHE A 306 24.38 0.30 19.00
C PHE A 306 23.20 -0.66 18.94
N LEU A 307 22.15 -0.19 18.29
CA LEU A 307 21.05 -1.06 17.88
C LEU A 307 20.82 -0.75 16.41
N GLN A 308 20.20 -1.68 15.73
CA GLN A 308 19.98 -1.55 14.28
C GLN A 308 18.92 -2.54 13.91
N LEU A 309 18.29 -2.33 12.79
CA LEU A 309 17.36 -3.30 12.23
C LEU A 309 18.21 -4.25 11.42
N LYS A 310 17.86 -5.51 11.47
CA LYS A 310 18.53 -6.56 10.67
C LYS A 310 17.45 -7.44 10.05
N ARG A 311 17.57 -7.75 8.77
CA ARG A 311 16.71 -8.81 8.20
C ARG A 311 17.36 -10.13 8.55
N LYS A 312 16.74 -11.01 9.34
CA LYS A 312 17.43 -12.29 9.67
C LYS A 312 17.49 -13.15 8.41
N ARG A 313 16.37 -13.19 7.71
CA ARG A 313 16.29 -13.87 6.40
C ARG A 313 17.38 -13.40 5.42
N GLY A 314 17.61 -12.09 5.39
CA GLY A 314 18.63 -11.46 4.54
C GLY A 314 19.93 -11.29 5.30
N GLY A 315 20.48 -10.10 5.23
CA GLY A 315 21.59 -9.67 6.10
C GLY A 315 21.70 -8.16 6.16
N ASP A 316 20.85 -7.50 5.38
CA ASP A 316 20.79 -6.03 5.27
C ASP A 316 20.63 -5.48 6.67
N VAL A 317 20.96 -4.23 6.77
CA VAL A 317 20.94 -3.50 8.08
C VAL A 317 20.47 -2.08 7.87
N SER A 318 19.83 -1.55 8.92
CA SER A 318 19.44 -0.14 9.01
C SER A 318 20.67 0.66 9.35
N ASP A 319 20.57 1.96 9.21
CA ASP A 319 21.56 2.92 9.79
C ASP A 319 21.44 2.92 11.31
N SER A 320 22.49 2.46 12.00
CA SER A 320 22.46 2.13 13.45
C SER A 320 22.43 3.38 14.34
N LYS A 321 21.61 3.32 15.40
CA LYS A 321 21.52 4.40 16.39
C LYS A 321 22.11 3.85 17.68
N GLN A 322 22.56 4.80 18.50
CA GLN A 322 23.17 4.58 19.85
C GLN A 322 22.11 4.37 20.92
N PHE A 323 22.46 3.57 21.90
CA PHE A 323 21.61 3.20 23.04
C PHE A 323 22.56 3.18 24.22
N THR A 324 22.08 3.71 25.34
CA THR A 324 22.87 3.74 26.59
C THR A 324 22.24 2.77 27.57
N TYR A 325 23.11 1.96 28.11
CA TYR A 325 22.79 1.07 29.23
C TYR A 325 23.34 1.69 30.51
N TYR A 326 22.50 1.73 31.54
CA TYR A 326 22.89 2.37 32.81
C TYR A 326 23.08 1.24 33.84
N PRO A 327 23.77 1.53 34.97
CA PRO A 327 23.96 0.57 36.08
C PRO A 327 22.72 0.31 36.96
N LEU A 328 22.85 -0.50 38.02
CA LEU A 328 21.71 -0.97 38.86
C LEU A 328 21.53 -0.06 40.09
N VAL A 329 20.27 0.09 40.54
CA VAL A 329 19.82 0.93 41.70
C VAL A 329 20.91 1.94 42.08
N THR C 34 -45.93 2.15 14.56
CA THR C 34 -45.70 1.21 13.41
C THR C 34 -47.00 1.02 12.62
N ALA C 35 -46.90 0.72 11.31
CA ALA C 35 -48.05 0.38 10.45
C ALA C 35 -48.74 -0.85 11.05
N ASP C 36 -50.07 -0.86 11.07
CA ASP C 36 -50.89 -1.96 11.65
C ASP C 36 -50.65 -3.21 10.81
N GLY C 37 -50.66 -3.07 9.49
CA GLY C 37 -50.46 -4.18 8.53
C GLY C 37 -49.12 -4.89 8.73
N PRO C 38 -48.86 -6.03 8.03
CA PRO C 38 -47.57 -6.74 8.08
C PRO C 38 -46.34 -6.06 7.44
N TYR C 39 -45.24 -6.13 8.17
CA TYR C 39 -44.03 -5.32 7.90
C TYR C 39 -42.78 -6.14 8.25
N LEU C 40 -41.69 -5.81 7.57
CA LEU C 40 -40.36 -6.42 7.80
C LEU C 40 -39.60 -5.52 8.77
N VAL C 41 -38.75 -6.12 9.59
CA VAL C 41 -37.88 -5.34 10.50
C VAL C 41 -36.51 -5.99 10.49
N ILE C 42 -35.47 -5.19 10.44
CA ILE C 42 -34.07 -5.69 10.55
C ILE C 42 -33.78 -6.00 12.01
N VAL C 43 -33.72 -7.28 12.35
CA VAL C 43 -33.46 -7.79 13.73
C VAL C 43 -32.01 -7.53 14.11
N GLU C 44 -31.11 -7.64 13.12
CA GLU C 44 -29.64 -7.49 13.29
C GLU C 44 -29.07 -6.90 12.01
N GLN C 45 -28.64 -5.65 12.08
CA GLN C 45 -28.12 -4.90 10.91
C GLN C 45 -26.77 -5.46 10.42
N PRO C 46 -26.37 -5.18 9.16
CA PRO C 46 -25.01 -5.54 8.76
C PRO C 46 -24.01 -4.66 9.50
N LYS C 47 -22.75 -5.10 9.50
CA LYS C 47 -21.58 -4.35 9.99
C LYS C 47 -21.36 -3.19 9.03
N GLN C 48 -21.42 -1.98 9.56
CA GLN C 48 -21.30 -0.76 8.72
C GLN C 48 -19.85 -0.58 8.24
N ARG C 49 -18.88 -1.25 8.89
CA ARG C 49 -17.46 -0.82 8.86
C ARG C 49 -16.46 -1.82 8.25
N GLY C 50 -16.60 -3.09 8.58
CA GLY C 50 -15.45 -4.00 8.53
C GLY C 50 -15.40 -4.89 7.31
N PHE C 51 -16.33 -4.75 6.37
CA PHE C 51 -16.51 -5.75 5.29
C PHE C 51 -15.74 -5.35 4.04
N ARG C 52 -15.04 -6.33 3.49
CA ARG C 52 -14.37 -6.16 2.20
C ARG C 52 -15.25 -6.61 1.04
N PHE C 53 -15.42 -5.74 0.04
CA PHE C 53 -16.11 -6.05 -1.23
C PHE C 53 -15.06 -6.75 -2.08
N ARG C 54 -15.46 -7.84 -2.71
CA ARG C 54 -14.50 -8.62 -3.56
C ARG C 54 -14.74 -8.44 -5.06
N TYR C 55 -13.65 -8.32 -5.81
CA TYR C 55 -13.75 -8.23 -7.28
C TYR C 55 -13.98 -9.64 -7.81
N GLY C 56 -14.53 -9.73 -9.00
CA GLY C 56 -14.78 -10.99 -9.73
C GLY C 56 -13.61 -11.94 -9.73
N CYS C 57 -12.41 -11.41 -9.91
CA CYS C 57 -11.18 -12.24 -9.96
C CYS C 57 -10.87 -12.97 -8.63
N GLU C 58 -11.13 -12.28 -7.52
CA GLU C 58 -10.49 -12.64 -6.22
C GLU C 58 -10.96 -14.01 -5.72
N GLY C 59 -12.21 -14.34 -6.01
CA GLY C 59 -12.84 -15.54 -5.45
C GLY C 59 -14.26 -15.28 -5.01
N PRO C 60 -15.08 -16.34 -4.96
CA PRO C 60 -16.41 -16.24 -4.38
C PRO C 60 -16.54 -16.62 -2.90
N SER C 61 -15.52 -17.27 -2.36
CA SER C 61 -15.52 -17.84 -1.00
C SER C 61 -14.56 -17.11 -0.08
N HIS C 62 -14.82 -15.83 0.16
CA HIS C 62 -13.88 -14.99 0.94
C HIS C 62 -14.51 -14.53 2.25
N GLY C 63 -15.70 -15.00 2.59
CA GLY C 63 -16.31 -14.64 3.88
C GLY C 63 -17.58 -13.82 3.77
N GLY C 64 -18.52 -14.11 4.66
CA GLY C 64 -19.89 -13.56 4.59
C GLY C 64 -20.06 -12.26 5.35
N LEU C 65 -20.88 -11.36 4.79
CA LEU C 65 -21.19 -10.06 5.42
C LEU C 65 -21.74 -10.39 6.80
N PRO C 66 -21.00 -10.05 7.88
CA PRO C 66 -21.46 -10.31 9.26
C PRO C 66 -22.41 -9.25 9.87
N GLY C 67 -22.92 -9.51 11.07
CA GLY C 67 -23.82 -8.58 11.75
C GLY C 67 -23.04 -7.52 12.48
N ALA C 68 -23.74 -6.52 13.00
CA ALA C 68 -23.13 -5.37 13.69
C ALA C 68 -22.65 -5.80 15.07
N SER C 69 -23.12 -6.96 15.48
CA SER C 69 -22.88 -7.61 16.78
C SER C 69 -21.89 -8.79 16.74
N SER C 70 -21.33 -9.09 15.57
CA SER C 70 -20.39 -10.23 15.40
C SER C 70 -19.12 -9.97 16.22
N GLU C 71 -18.51 -11.06 16.69
CA GLU C 71 -17.15 -11.11 17.31
C GLU C 71 -16.47 -12.35 16.69
N LYS C 72 -15.20 -12.61 16.99
CA LYS C 72 -14.46 -13.72 16.34
C LYS C 72 -14.99 -15.05 16.88
N GLY C 73 -15.31 -15.13 18.18
CA GLY C 73 -16.05 -16.27 18.78
C GLY C 73 -17.52 -16.28 18.36
N ARG C 74 -18.30 -15.33 18.88
CA ARG C 74 -19.76 -15.18 18.61
C ARG C 74 -19.98 -14.41 17.34
N LYS C 75 -20.22 -15.12 16.23
CA LYS C 75 -20.52 -14.54 14.92
C LYS C 75 -22.02 -14.34 14.77
N THR C 76 -22.39 -13.26 14.12
CA THR C 76 -23.80 -12.92 13.89
C THR C 76 -23.90 -12.38 12.46
N TYR C 77 -25.06 -12.55 11.85
CA TYR C 77 -25.31 -12.30 10.41
C TYR C 77 -26.51 -11.38 10.31
N PRO C 78 -26.65 -10.61 9.22
CA PRO C 78 -27.83 -9.75 9.07
C PRO C 78 -29.13 -10.56 9.17
N THR C 79 -30.06 -10.16 10.05
CA THR C 79 -31.34 -10.87 10.24
C THR C 79 -32.49 -9.87 10.14
N VAL C 80 -33.59 -10.39 9.63
CA VAL C 80 -34.82 -9.59 9.44
C VAL C 80 -35.99 -10.50 9.79
N LYS C 81 -37.13 -9.92 10.12
CA LYS C 81 -38.26 -10.73 10.58
C LYS C 81 -39.53 -10.11 10.01
N ILE C 82 -40.48 -10.95 9.62
CA ILE C 82 -41.85 -10.47 9.31
C ILE C 82 -42.70 -10.48 10.57
N CYS C 83 -43.28 -9.35 10.95
CA CYS C 83 -44.05 -9.19 12.17
C CYS C 83 -45.47 -8.93 11.74
N ASN C 84 -46.44 -9.42 12.50
CA ASN C 84 -47.87 -9.12 12.24
C ASN C 84 -48.28 -10.01 11.06
N TYR C 85 -47.77 -11.24 11.12
CA TYR C 85 -48.12 -12.34 10.18
C TYR C 85 -47.26 -13.57 10.47
N GLU C 86 -47.92 -14.74 10.48
CA GLU C 86 -47.32 -16.10 10.53
C GLU C 86 -47.75 -16.83 9.24
N GLY C 87 -46.82 -17.48 8.54
CA GLY C 87 -47.15 -18.27 7.33
C GLY C 87 -45.98 -18.32 6.35
N PRO C 88 -46.18 -18.97 5.17
CA PRO C 88 -45.11 -19.09 4.18
C PRO C 88 -44.79 -17.73 3.55
N ALA C 89 -43.52 -17.42 3.36
CA ALA C 89 -43.10 -16.08 2.95
C ALA C 89 -41.72 -16.16 2.36
N LYS C 90 -41.42 -15.17 1.55
CA LYS C 90 -40.18 -15.11 0.76
C LYS C 90 -39.58 -13.73 0.98
N ILE C 91 -38.34 -13.70 1.49
CA ILE C 91 -37.56 -12.44 1.68
C ILE C 91 -36.39 -12.45 0.70
N GLU C 92 -36.19 -11.33 0.01
CA GLU C 92 -35.09 -11.18 -0.95
C GLU C 92 -34.31 -9.91 -0.66
N VAL C 93 -32.99 -9.98 -0.84
CA VAL C 93 -32.06 -8.86 -0.53
C VAL C 93 -31.34 -8.54 -1.82
N ASP C 94 -31.00 -7.27 -1.97
CA ASP C 94 -30.32 -6.72 -3.16
C ASP C 94 -29.60 -5.45 -2.74
N LEU C 95 -28.57 -5.07 -3.47
CA LEU C 95 -27.81 -3.84 -3.12
C LEU C 95 -28.40 -2.57 -3.76
N VAL C 96 -28.71 -1.60 -2.91
CA VAL C 96 -29.20 -0.29 -3.37
C VAL C 96 -28.23 0.82 -3.02
N THR C 97 -28.38 1.95 -3.68
CA THR C 97 -27.49 3.10 -3.49
C THR C 97 -27.56 3.64 -2.06
N HIS C 98 -26.52 4.36 -1.69
CA HIS C 98 -26.41 5.05 -0.39
C HIS C 98 -27.30 6.27 -0.41
N SER C 99 -27.53 6.79 -1.61
CA SER C 99 -28.44 7.92 -1.89
C SER C 99 -29.84 7.57 -1.39
N ASP C 100 -30.53 8.54 -0.79
CA ASP C 100 -31.80 8.20 -0.10
C ASP C 100 -32.81 7.58 -1.06
N PRO C 101 -33.10 8.22 -2.21
CA PRO C 101 -33.85 7.58 -3.27
C PRO C 101 -33.06 6.32 -3.62
N PRO C 102 -33.61 5.13 -3.27
CA PRO C 102 -32.87 3.87 -3.44
C PRO C 102 -32.95 3.25 -4.82
N ARG C 103 -31.85 3.38 -5.55
CA ARG C 103 -31.71 2.79 -6.87
C ARG C 103 -30.79 1.58 -6.72
N ALA C 104 -31.03 0.55 -7.53
CA ALA C 104 -30.14 -0.62 -7.69
C ALA C 104 -28.68 -0.21 -7.88
N HIS C 105 -27.78 -0.91 -7.16
CA HIS C 105 -26.33 -0.61 -7.21
C HIS C 105 -25.65 -1.42 -8.31
N ALA C 106 -24.54 -0.87 -8.81
CA ALA C 106 -23.70 -1.50 -9.84
C ALA C 106 -23.19 -2.84 -9.29
N HIS C 107 -23.01 -2.90 -7.97
CA HIS C 107 -22.54 -4.10 -7.25
C HIS C 107 -23.63 -5.15 -7.20
N SER C 108 -23.23 -6.42 -7.18
CA SER C 108 -24.17 -7.57 -7.04
C SER C 108 -23.87 -8.43 -5.79
N LEU C 109 -24.92 -8.95 -5.18
CA LEU C 109 -24.72 -9.93 -4.09
C LEU C 109 -24.47 -11.31 -4.66
N VAL C 110 -23.43 -11.96 -4.20
CA VAL C 110 -23.15 -13.36 -4.59
C VAL C 110 -23.26 -14.28 -3.37
N GLY C 111 -23.71 -15.51 -3.58
CA GLY C 111 -23.78 -16.52 -2.51
C GLY C 111 -24.70 -17.70 -2.78
N LYS C 112 -24.81 -18.58 -1.79
CA LYS C 112 -25.50 -19.87 -1.95
C LYS C 112 -26.96 -19.63 -2.33
N GLN C 113 -27.56 -18.55 -1.83
CA GLN C 113 -29.02 -18.28 -1.92
C GLN C 113 -29.36 -17.46 -3.20
N CYS C 114 -28.38 -17.02 -4.01
CA CYS C 114 -28.47 -15.79 -4.84
C CYS C 114 -28.61 -16.10 -6.34
N SER C 115 -29.27 -15.16 -7.02
CA SER C 115 -29.38 -14.99 -8.48
C SER C 115 -28.13 -14.31 -8.99
N GLU C 116 -28.01 -14.43 -10.29
CA GLU C 116 -26.94 -13.81 -11.11
C GLU C 116 -27.09 -12.29 -11.19
N LEU C 117 -28.26 -11.78 -10.86
CA LEU C 117 -28.60 -10.36 -10.98
C LEU C 117 -28.30 -9.70 -9.65
N GLY C 118 -27.89 -10.49 -8.65
CA GLY C 118 -27.54 -9.92 -7.34
C GLY C 118 -28.70 -10.00 -6.36
N ILE C 119 -29.64 -10.91 -6.55
CA ILE C 119 -30.85 -10.92 -5.69
C ILE C 119 -30.86 -12.22 -4.89
N CYS C 120 -30.88 -12.08 -3.59
CA CYS C 120 -30.79 -13.26 -2.71
C CYS C 120 -32.18 -13.51 -2.15
N ALA C 121 -32.57 -14.76 -2.09
CA ALA C 121 -33.96 -15.12 -1.76
C ALA C 121 -33.94 -16.22 -0.73
N VAL C 122 -34.67 -15.98 0.33
CA VAL C 122 -34.93 -17.02 1.36
C VAL C 122 -36.42 -17.19 1.67
N SER C 123 -36.73 -18.36 2.21
CA SER C 123 -38.11 -18.78 2.50
C SER C 123 -38.28 -18.92 4.01
N VAL C 124 -39.22 -18.19 4.61
CA VAL C 124 -39.53 -18.40 6.06
C VAL C 124 -40.75 -19.32 6.12
N GLY C 125 -40.58 -20.46 6.77
CA GLY C 125 -41.70 -21.38 7.17
C GLY C 125 -42.67 -20.80 8.19
N PRO C 126 -43.94 -21.29 8.22
CA PRO C 126 -45.00 -20.64 9.00
C PRO C 126 -44.69 -20.46 10.49
N LYS C 127 -43.81 -21.32 11.00
CA LYS C 127 -43.34 -21.25 12.39
C LYS C 127 -42.46 -20.02 12.57
N ASP C 128 -41.36 -20.00 11.83
CA ASP C 128 -40.18 -19.13 12.04
C ASP C 128 -40.19 -18.01 11.02
N MET C 129 -40.42 -16.78 11.45
CA MET C 129 -40.64 -15.67 10.51
C MET C 129 -39.41 -14.78 10.44
N THR C 130 -38.28 -15.33 10.85
CA THR C 130 -36.98 -14.64 10.82
C THR C 130 -36.09 -15.25 9.74
N ALA C 131 -35.43 -14.39 8.95
CA ALA C 131 -34.49 -14.84 7.92
C ALA C 131 -33.11 -14.31 8.27
N GLN C 132 -32.18 -15.24 8.44
CA GLN C 132 -30.73 -14.92 8.57
C GLN C 132 -30.04 -15.03 7.21
N PHE C 133 -29.08 -14.18 6.95
CA PHE C 133 -28.25 -14.19 5.72
C PHE C 133 -26.78 -14.21 6.10
N ASN C 134 -26.25 -15.42 6.12
CA ASN C 134 -24.95 -15.73 6.73
C ASN C 134 -23.90 -15.90 5.66
N ASN C 135 -24.27 -15.79 4.39
CA ASN C 135 -23.36 -16.06 3.27
C ASN C 135 -23.40 -14.94 2.24
N LEU C 136 -23.57 -13.71 2.67
CA LEU C 136 -23.70 -12.61 1.70
C LEU C 136 -22.35 -12.01 1.36
N GLY C 137 -22.01 -12.00 0.07
CA GLY C 137 -20.83 -11.30 -0.47
C GLY C 137 -21.21 -10.21 -1.43
N VAL C 138 -20.29 -9.30 -1.71
CA VAL C 138 -20.53 -8.12 -2.57
C VAL C 138 -19.51 -8.22 -3.67
N LEU C 139 -19.96 -8.48 -4.90
CA LEU C 139 -19.08 -8.53 -6.08
C LEU C 139 -18.81 -7.10 -6.48
N HIS C 140 -17.56 -6.69 -6.44
CA HIS C 140 -17.20 -5.30 -6.80
C HIS C 140 -17.03 -5.08 -8.31
N VAL C 141 -17.84 -4.22 -8.89
CA VAL C 141 -17.86 -4.05 -10.36
C VAL C 141 -16.65 -3.22 -10.75
N THR C 142 -16.10 -3.58 -11.92
CA THR C 142 -14.98 -2.85 -12.56
C THR C 142 -15.52 -1.56 -13.18
N LYS C 143 -14.69 -0.54 -13.23
CA LYS C 143 -15.14 0.76 -13.77
C LYS C 143 -15.28 0.64 -15.29
N LYS C 144 -14.68 -0.39 -15.86
CA LYS C 144 -14.76 -0.65 -17.31
C LYS C 144 -16.03 -1.48 -17.54
N ASN C 145 -16.54 -2.08 -16.46
CA ASN C 145 -17.71 -2.96 -16.67
C ASN C 145 -18.94 -2.41 -16.00
N MET C 146 -18.86 -1.21 -15.49
CA MET C 146 -19.95 -0.63 -14.67
C MET C 146 -21.22 -0.38 -15.49
N MET C 147 -21.07 0.24 -16.65
CA MET C 147 -22.25 0.62 -17.46
C MET C 147 -22.98 -0.60 -18.00
N GLY C 148 -22.26 -1.52 -18.63
CA GLY C 148 -22.87 -2.77 -19.10
C GLY C 148 -23.55 -3.57 -18.01
N THR C 149 -22.90 -3.69 -16.85
CA THR C 149 -23.47 -4.42 -15.69
C THR C 149 -24.70 -3.66 -15.20
N MET C 150 -24.60 -2.34 -15.26
CA MET C 150 -25.73 -1.47 -14.89
C MET C 150 -26.92 -1.59 -15.86
N ILE C 151 -26.73 -1.44 -17.18
CA ILE C 151 -27.87 -1.54 -18.14
C ILE C 151 -28.50 -2.92 -18.05
N GLN C 152 -27.74 -3.94 -17.69
CA GLN C 152 -28.25 -5.33 -17.51
C GLN C 152 -29.26 -5.49 -16.37
N LYS C 153 -29.06 -4.79 -15.27
CA LYS C 153 -29.99 -4.85 -14.13
C LYS C 153 -31.15 -3.90 -14.39
N LEU C 154 -30.97 -2.92 -15.26
CA LEU C 154 -32.05 -1.98 -15.61
C LEU C 154 -33.01 -2.58 -16.64
N GLN C 155 -32.47 -3.40 -17.52
CA GLN C 155 -33.23 -4.17 -18.54
C GLN C 155 -34.06 -5.17 -17.76
N ARG C 156 -33.40 -5.92 -16.91
CA ARG C 156 -34.07 -6.89 -16.06
C ARG C 156 -35.22 -6.20 -15.32
N GLN C 157 -35.02 -4.95 -14.91
CA GLN C 157 -35.98 -4.34 -13.98
C GLN C 157 -37.21 -3.76 -14.68
N ARG C 158 -37.01 -3.02 -15.76
CA ARG C 158 -38.10 -2.46 -16.56
C ARG C 158 -38.25 -3.21 -17.89
N LEU C 159 -38.20 -4.56 -17.88
CA LEU C 159 -38.53 -5.54 -18.96
C LEU C 159 -39.78 -6.33 -18.56
N ARG C 160 -40.11 -6.37 -17.27
CA ARG C 160 -41.36 -6.98 -16.77
C ARG C 160 -42.50 -5.98 -16.90
N SER C 161 -42.18 -4.68 -16.98
CA SER C 161 -43.13 -3.57 -17.29
C SER C 161 -43.64 -3.68 -18.73
N ARG C 162 -42.87 -4.30 -19.62
CA ARG C 162 -43.27 -4.67 -21.01
C ARG C 162 -42.55 -5.98 -21.37
N PRO C 163 -43.14 -7.15 -21.04
CA PRO C 163 -42.41 -8.42 -21.04
C PRO C 163 -42.12 -9.09 -22.39
N GLN C 164 -42.64 -8.53 -23.47
CA GLN C 164 -42.40 -9.06 -24.84
C GLN C 164 -41.17 -8.39 -25.46
N GLY C 165 -41.05 -7.10 -25.28
CA GLY C 165 -39.88 -6.41 -25.83
C GLY C 165 -39.73 -5.02 -25.33
N LEU C 166 -38.68 -4.31 -25.79
CA LEU C 166 -38.42 -2.92 -25.40
C LEU C 166 -38.27 -2.11 -26.65
N THR C 167 -38.64 -0.85 -26.53
CA THR C 167 -38.48 0.16 -27.61
C THR C 167 -37.10 0.81 -27.53
N GLU C 168 -36.52 1.06 -28.71
CA GLU C 168 -35.21 1.73 -28.84
C GLU C 168 -35.23 3.08 -28.14
N ALA C 169 -36.39 3.73 -28.13
CA ALA C 169 -36.56 5.05 -27.50
C ALA C 169 -36.32 4.84 -26.02
N GLU C 170 -36.95 3.80 -25.47
CA GLU C 170 -36.86 3.52 -24.03
C GLU C 170 -35.48 3.02 -23.68
N GLN C 171 -34.84 2.34 -24.61
CA GLN C 171 -33.47 1.80 -24.44
C GLN C 171 -32.41 2.89 -24.53
N ARG C 172 -32.65 3.92 -25.35
CA ARG C 172 -31.89 5.18 -25.33
C ARG C 172 -32.03 5.84 -23.94
N GLU C 173 -33.25 5.91 -23.42
CA GLU C 173 -33.52 6.61 -22.11
C GLU C 173 -33.15 5.73 -20.92
N LEU C 174 -32.99 4.44 -21.14
CA LEU C 174 -32.60 3.48 -20.10
C LEU C 174 -31.10 3.69 -19.92
N GLU C 175 -30.40 3.87 -21.04
CA GLU C 175 -28.94 4.16 -21.02
C GLU C 175 -28.71 5.53 -20.42
N GLN C 176 -29.73 6.39 -20.48
CA GLN C 176 -29.61 7.76 -19.93
C GLN C 176 -29.63 7.71 -18.40
N GLU C 177 -30.36 6.75 -17.82
CA GLU C 177 -30.42 6.63 -16.36
C GLU C 177 -29.04 6.18 -15.93
N ALA C 178 -28.55 5.14 -16.58
CA ALA C 178 -27.24 4.53 -16.30
C ALA C 178 -26.10 5.54 -16.25
N LYS C 179 -26.03 6.36 -17.29
CA LYS C 179 -24.98 7.39 -17.46
C LYS C 179 -24.96 8.37 -16.30
N GLU C 180 -26.13 8.95 -16.00
CA GLU C 180 -26.32 9.91 -14.90
C GLU C 180 -26.10 9.30 -13.51
N LEU C 181 -26.01 7.98 -13.44
CA LEU C 181 -25.98 7.25 -12.17
C LEU C 181 -24.52 6.88 -11.95
N LYS C 182 -23.82 6.61 -13.06
CA LYS C 182 -22.41 6.22 -13.08
C LYS C 182 -21.59 7.46 -12.77
N LYS C 183 -22.16 8.65 -12.88
CA LYS C 183 -21.37 9.89 -12.58
C LYS C 183 -21.26 10.18 -11.07
N VAL C 184 -22.29 9.79 -10.32
CA VAL C 184 -22.55 10.13 -8.90
C VAL C 184 -22.53 8.92 -7.98
N MET C 185 -22.44 7.73 -8.56
CA MET C 185 -22.55 6.47 -7.77
C MET C 185 -21.31 6.24 -6.91
N ASP C 186 -21.54 6.09 -5.62
CA ASP C 186 -20.48 5.68 -4.66
C ASP C 186 -20.34 4.15 -4.69
N LEU C 187 -19.18 3.71 -5.16
CA LEU C 187 -18.82 2.28 -5.22
C LEU C 187 -18.12 1.80 -3.94
N SER C 188 -18.06 2.66 -2.93
CA SER C 188 -17.53 2.31 -1.59
C SER C 188 -18.67 2.09 -0.61
N ILE C 189 -19.87 2.49 -0.97
CA ILE C 189 -20.97 2.40 0.02
C ILE C 189 -22.24 1.82 -0.59
N VAL C 190 -22.81 0.83 0.07
CA VAL C 190 -24.01 0.12 -0.39
C VAL C 190 -24.98 0.00 0.77
N ARG C 191 -26.22 -0.32 0.46
CA ARG C 191 -27.25 -0.61 1.48
C ARG C 191 -27.96 -1.87 1.06
N LEU C 192 -28.22 -2.77 2.01
CA LEU C 192 -29.02 -3.96 1.76
C LEU C 192 -30.46 -3.52 1.71
N ARG C 193 -31.23 -4.06 0.78
CA ARG C 193 -32.67 -3.79 0.70
C ARG C 193 -33.37 -5.12 0.72
N PHE C 194 -34.12 -5.33 1.79
CA PHE C 194 -34.94 -6.54 2.01
C PHE C 194 -36.33 -6.28 1.51
N SER C 195 -36.79 -7.14 0.63
CA SER C 195 -38.14 -7.08 0.06
C SER C 195 -38.80 -8.39 0.46
N ALA C 196 -39.74 -8.31 1.38
CA ALA C 196 -40.51 -9.47 1.87
C ALA C 196 -41.78 -9.72 1.03
N PHE C 197 -42.09 -10.98 0.75
CA PHE C 197 -43.28 -11.35 -0.05
C PHE C 197 -44.06 -12.48 0.61
N LEU C 198 -45.31 -12.20 0.97
CA LEU C 198 -46.21 -13.19 1.54
C LEU C 198 -46.79 -13.99 0.40
N ARG C 199 -46.45 -15.28 0.38
CA ARG C 199 -47.17 -16.32 -0.41
C ARG C 199 -48.68 -16.25 -0.16
N ALA C 200 -49.48 -16.19 -1.24
CA ALA C 200 -50.96 -16.14 -1.26
C ALA C 200 -51.52 -17.56 -1.25
N SER C 201 -52.85 -17.68 -1.29
CA SER C 201 -53.61 -18.96 -1.40
C SER C 201 -53.16 -19.76 -2.63
N ASP C 202 -52.95 -19.09 -3.77
CA ASP C 202 -52.53 -19.71 -5.06
C ASP C 202 -51.41 -20.73 -4.80
N GLY C 203 -50.36 -20.31 -4.11
CA GLY C 203 -49.02 -20.94 -4.10
C GLY C 203 -47.98 -19.95 -4.58
N SER C 204 -48.44 -18.83 -5.15
CA SER C 204 -47.65 -17.68 -5.65
C SER C 204 -47.22 -16.79 -4.46
N PHE C 205 -45.91 -16.53 -4.33
CA PHE C 205 -45.31 -15.61 -3.32
C PHE C 205 -45.46 -14.17 -3.83
N SER C 206 -46.70 -13.74 -4.05
CA SER C 206 -47.07 -12.61 -4.93
C SER C 206 -47.42 -11.34 -4.16
N LEU C 207 -47.65 -11.45 -2.85
CA LEU C 207 -47.99 -10.29 -2.00
C LEU C 207 -46.74 -9.58 -1.51
N PRO C 208 -46.61 -8.25 -1.79
CA PRO C 208 -45.51 -7.46 -1.23
C PRO C 208 -45.76 -6.90 0.18
N LEU C 209 -44.69 -6.75 0.95
CA LEU C 209 -44.61 -5.97 2.20
C LEU C 209 -43.81 -4.74 1.86
N LYS C 210 -43.77 -3.80 2.79
CA LYS C 210 -42.89 -2.59 2.70
C LYS C 210 -41.43 -3.01 2.61
N PRO C 211 -40.62 -2.50 1.63
CA PRO C 211 -39.19 -2.78 1.64
C PRO C 211 -38.39 -1.98 2.67
N VAL C 212 -37.56 -2.69 3.40
CA VAL C 212 -36.75 -2.12 4.49
C VAL C 212 -35.28 -2.02 4.09
N ILE C 213 -34.77 -0.78 4.06
CA ILE C 213 -33.33 -0.51 3.77
C ILE C 213 -32.46 -0.40 5.02
N SER C 214 -31.37 -1.16 5.03
CA SER C 214 -30.40 -1.22 6.13
C SER C 214 -29.55 0.04 6.14
N GLN C 215 -28.76 0.18 7.18
CA GLN C 215 -27.83 1.31 7.31
C GLN C 215 -26.68 1.06 6.33
N PRO C 216 -25.92 2.11 5.96
CA PRO C 216 -24.90 2.01 4.91
C PRO C 216 -23.81 0.98 5.23
N ILE C 217 -23.13 0.48 4.22
CA ILE C 217 -22.13 -0.57 4.43
C ILE C 217 -20.92 -0.06 3.69
N HIS C 218 -19.85 0.19 4.41
CA HIS C 218 -18.61 0.71 3.77
C HIS C 218 -17.70 -0.44 3.33
N ASP C 219 -17.12 -0.28 2.15
CA ASP C 219 -16.01 -1.12 1.69
C ASP C 219 -14.82 -0.78 2.57
N SER C 220 -14.30 -1.79 3.30
CA SER C 220 -13.16 -1.62 4.21
C SER C 220 -11.87 -1.47 3.40
N LYS C 221 -11.83 -2.12 2.25
CA LYS C 221 -10.64 -1.99 1.38
C LYS C 221 -10.80 -0.85 0.39
N SER C 222 -11.65 0.10 0.71
CA SER C 222 -11.92 1.26 -0.15
C SER C 222 -11.18 2.48 0.40
N PRO C 223 -11.11 3.59 -0.37
CA PRO C 223 -10.25 4.73 -0.04
C PRO C 223 -10.55 5.36 1.33
N GLY C 224 -9.49 5.58 2.11
CA GLY C 224 -9.53 6.34 3.38
C GLY C 224 -10.69 5.93 4.27
N ALA C 225 -11.20 6.89 5.03
CA ALA C 225 -12.53 6.81 5.70
C ALA C 225 -12.79 5.47 6.39
N SER C 226 -11.74 4.85 6.90
CA SER C 226 -11.87 3.82 7.97
C SER C 226 -11.94 4.39 9.41
N ASN C 227 -12.12 3.44 10.31
CA ASN C 227 -12.30 3.69 11.74
C ASN C 227 -10.98 4.15 12.29
N LEU C 228 -10.96 5.32 12.90
CA LEU C 228 -9.78 5.81 13.61
C LEU C 228 -9.62 4.83 14.75
N LYS C 229 -8.44 4.26 14.89
CA LYS C 229 -8.15 3.30 15.98
C LYS C 229 -6.83 3.65 16.67
N ILE C 230 -6.82 3.60 17.99
CA ILE C 230 -5.57 3.75 18.75
C ILE C 230 -5.14 2.34 19.05
N SER C 231 -4.04 1.92 18.43
CA SER C 231 -3.44 0.59 18.61
C SER C 231 -2.80 0.51 19.97
N ARG C 232 -1.86 1.42 20.22
CA ARG C 232 -1.24 1.58 21.55
C ARG C 232 -0.47 2.89 21.60
N MET C 233 -0.19 3.34 22.82
CA MET C 233 0.63 4.54 23.02
C MET C 233 1.72 4.23 24.02
N ASP C 234 2.81 4.97 23.88
CA ASP C 234 3.97 4.73 24.78
C ASP C 234 3.69 5.19 26.22
N LYS C 235 3.11 6.37 26.42
CA LYS C 235 2.72 6.89 27.75
C LYS C 235 1.21 7.03 27.86
N THR C 236 0.71 6.80 29.07
CA THR C 236 -0.69 7.03 29.45
C THR C 236 -0.82 8.04 30.57
N ALA C 237 0.24 8.80 30.83
CA ALA C 237 0.34 9.62 32.03
C ALA C 237 1.25 10.79 31.69
N GLY C 238 1.28 11.70 32.63
CA GLY C 238 1.85 13.04 32.40
C GLY C 238 1.87 13.82 33.69
N SER C 239 2.40 15.01 33.60
CA SER C 239 2.17 16.08 34.61
C SER C 239 1.09 16.98 34.08
N VAL C 240 0.41 17.67 34.99
CA VAL C 240 -0.63 18.68 34.69
C VAL C 240 -0.08 19.72 33.71
N ARG C 241 1.24 19.86 33.66
CA ARG C 241 1.97 20.88 32.86
C ARG C 241 1.83 20.60 31.37
N GLY C 242 1.66 19.33 31.00
CA GLY C 242 1.79 18.89 29.62
C GLY C 242 3.23 18.95 29.15
N GLY C 243 3.34 18.89 27.84
CA GLY C 243 4.61 18.97 27.10
C GLY C 243 5.31 17.65 27.09
N ASP C 244 4.69 16.62 27.65
CA ASP C 244 5.24 15.26 27.67
C ASP C 244 5.01 14.60 26.31
N GLU C 245 6.08 14.10 25.70
CA GLU C 245 6.02 13.49 24.36
C GLU C 245 5.55 12.02 24.42
N VAL C 246 4.49 11.76 23.67
CA VAL C 246 3.82 10.44 23.51
C VAL C 246 3.93 9.94 22.06
N TYR C 247 4.29 8.68 21.88
CA TYR C 247 4.31 7.96 20.58
C TYR C 247 3.00 7.20 20.53
N LEU C 248 2.14 7.53 19.59
CA LEU C 248 0.83 6.87 19.46
C LEU C 248 0.84 6.06 18.16
N LEU C 249 0.51 4.79 18.22
CA LEU C 249 0.39 3.94 17.01
C LEU C 249 -1.07 3.92 16.63
N CYS C 250 -1.38 4.24 15.39
CA CYS C 250 -2.81 4.25 14.95
C CYS C 250 -3.02 3.58 13.59
N ASP C 251 -4.28 3.45 13.16
CA ASP C 251 -4.57 3.06 11.78
C ASP C 251 -4.34 4.31 10.95
N LYS C 252 -4.24 4.12 9.65
CA LYS C 252 -3.90 5.23 8.69
C LYS C 252 -4.65 6.56 8.96
N VAL C 253 -3.88 7.63 9.13
CA VAL C 253 -4.50 8.97 9.33
C VAL C 253 -3.88 9.97 8.36
N GLN C 254 -4.64 10.97 7.98
CA GLN C 254 -4.18 11.99 7.01
C GLN C 254 -3.49 13.16 7.74
N LYS C 255 -2.23 13.45 7.39
CA LYS C 255 -1.36 14.26 8.28
C LYS C 255 -2.02 15.58 8.64
N ASP C 256 -2.56 16.26 7.64
CA ASP C 256 -3.15 17.59 7.82
C ASP C 256 -4.36 17.69 8.73
N ASP C 257 -5.23 16.66 8.65
CA ASP C 257 -6.66 16.76 9.02
C ASP C 257 -7.01 15.80 10.16
N ILE C 258 -5.97 15.46 10.90
CA ILE C 258 -6.07 14.67 12.16
C ILE C 258 -5.66 15.50 13.38
N GLU C 259 -6.24 15.16 14.53
CA GLU C 259 -5.88 15.81 15.80
C GLU C 259 -5.98 14.81 16.94
N VAL C 260 -5.51 15.26 18.10
CA VAL C 260 -5.49 14.42 19.32
C VAL C 260 -6.19 15.23 20.39
N ARG C 261 -7.48 14.95 20.51
CA ARG C 261 -8.42 15.68 21.39
C ARG C 261 -8.42 15.10 22.80
N PHE C 262 -7.98 15.92 23.77
CA PHE C 262 -8.03 15.53 25.19
C PHE C 262 -9.13 16.29 25.91
N TYR C 263 -10.15 15.55 26.36
CA TYR C 263 -11.45 16.13 26.77
C TYR C 263 -11.92 15.49 28.07
N GLU C 264 -12.72 16.22 28.83
CA GLU C 264 -13.45 15.71 30.00
C GLU C 264 -14.94 15.53 29.69
N ASP C 265 -15.50 14.42 30.16
CA ASP C 265 -16.85 13.98 29.74
C ASP C 265 -17.93 14.96 30.22
N ASP C 266 -17.83 15.50 31.43
CA ASP C 266 -18.72 16.60 31.91
C ASP C 266 -18.84 17.65 30.79
N GLU C 267 -20.06 18.16 30.58
CA GLU C 267 -20.35 19.10 29.46
C GLU C 267 -19.63 20.43 29.70
N ASN C 268 -18.88 20.56 30.81
CA ASN C 268 -17.88 21.64 31.03
C ASN C 268 -16.99 21.79 29.78
N GLY C 269 -16.85 20.71 29.01
CA GLY C 269 -16.25 20.72 27.65
C GLY C 269 -14.74 20.72 27.71
N TRP C 270 -14.10 20.86 28.89
CA TRP C 270 -12.63 21.08 28.88
C TRP C 270 -12.12 20.19 27.77
N GLN C 271 -11.58 20.84 26.74
CA GLN C 271 -10.90 20.15 25.62
C GLN C 271 -9.62 20.90 25.28
N ALA C 272 -8.59 20.17 24.91
CA ALA C 272 -7.32 20.70 24.41
C ALA C 272 -6.75 19.67 23.45
N PHE C 273 -5.60 19.99 22.88
CA PHE C 273 -5.05 19.17 21.77
C PHE C 273 -3.55 18.81 21.89
N GLY C 274 -3.20 17.74 21.19
CA GLY C 274 -1.81 17.29 21.07
C GLY C 274 -1.03 18.29 20.27
N ASP C 275 0.26 18.33 20.50
CA ASP C 275 1.15 19.31 19.85
C ASP C 275 2.09 18.52 18.94
N PHE C 276 1.95 18.76 17.66
CA PHE C 276 2.74 18.04 16.64
C PHE C 276 2.57 18.74 15.31
N SER C 277 3.59 18.69 14.46
CA SER C 277 3.52 19.10 13.05
C SER C 277 3.19 17.86 12.22
N PRO C 278 2.61 18.01 11.02
CA PRO C 278 2.48 16.86 10.10
C PRO C 278 3.71 15.96 9.96
N THR C 279 4.90 16.52 10.15
CA THR C 279 6.20 15.81 10.08
C THR C 279 6.22 14.78 11.21
N ASP C 280 5.46 15.07 12.25
CA ASP C 280 5.41 14.25 13.46
C ASP C 280 4.47 13.08 13.29
N VAL C 281 3.61 13.13 12.28
CA VAL C 281 2.73 12.00 11.94
C VAL C 281 3.55 11.17 10.98
N HIS C 282 3.97 10.02 11.48
CA HIS C 282 4.95 9.12 10.82
C HIS C 282 4.30 8.11 9.85
N LYS C 283 4.53 8.25 8.54
CA LYS C 283 4.00 7.31 7.53
C LYS C 283 2.55 6.95 7.81
N GLN C 284 1.77 7.95 8.24
CA GLN C 284 0.31 7.87 8.55
C GLN C 284 -0.12 6.74 9.48
N TYR C 285 0.82 6.14 10.21
CA TYR C 285 0.52 5.07 11.19
C TYR C 285 1.04 5.30 12.62
N ALA C 286 1.62 6.46 12.86
CA ALA C 286 2.07 6.87 14.18
C ALA C 286 1.99 8.38 14.23
N ILE C 287 1.83 8.86 15.45
CA ILE C 287 1.82 10.30 15.79
C ILE C 287 2.78 10.50 16.96
N VAL C 288 3.76 11.38 16.80
CA VAL C 288 4.61 11.70 17.99
C VAL C 288 4.16 13.08 18.39
N PHE C 289 3.53 13.18 19.53
CA PHE C 289 3.00 14.47 19.98
C PHE C 289 3.32 14.77 21.44
N ARG C 290 3.23 16.06 21.76
CA ARG C 290 3.48 16.55 23.13
C ARG C 290 2.11 16.84 23.77
N THR C 291 1.85 16.25 24.91
CA THR C 291 0.58 16.40 25.67
C THR C 291 0.26 17.85 25.96
N PRO C 292 -1.03 18.26 25.99
CA PRO C 292 -1.35 19.62 26.35
C PRO C 292 -1.42 19.77 27.86
N PRO C 293 -1.30 21.00 28.42
CA PRO C 293 -1.50 21.14 29.86
C PRO C 293 -2.97 20.99 30.22
N TYR C 294 -3.25 20.41 31.38
CA TYR C 294 -4.63 20.36 31.95
C TYR C 294 -5.10 21.77 32.29
N HIS C 295 -6.41 22.00 32.25
CA HIS C 295 -6.97 23.37 32.38
C HIS C 295 -6.68 24.01 33.76
N LYS C 296 -6.59 23.17 34.80
CA LYS C 296 -6.51 23.60 36.20
C LYS C 296 -5.24 23.03 36.83
N MET C 297 -4.22 23.88 36.99
CA MET C 297 -2.96 23.53 37.69
C MET C 297 -3.19 23.53 39.19
N LYS C 298 -2.17 23.09 39.92
CA LYS C 298 -2.20 22.93 41.39
C LYS C 298 -3.40 22.10 41.86
N ILE C 299 -3.63 20.96 41.21
CA ILE C 299 -4.48 19.87 41.77
C ILE C 299 -3.61 19.08 42.73
N GLU C 300 -4.28 18.54 43.73
CA GLU C 300 -3.60 17.78 44.80
C GLU C 300 -3.73 16.27 44.58
N ARG C 301 -4.69 15.86 43.75
CA ARG C 301 -4.86 14.46 43.38
C ARG C 301 -4.78 14.32 41.87
N PRO C 302 -4.25 13.19 41.39
CA PRO C 302 -4.28 12.92 39.94
C PRO C 302 -5.68 12.97 39.34
N VAL C 303 -5.79 13.55 38.13
CA VAL C 303 -7.08 13.69 37.38
C VAL C 303 -6.99 12.90 36.10
N THR C 304 -8.00 12.05 35.89
CA THR C 304 -8.09 11.19 34.71
C THR C 304 -8.94 11.89 33.68
N VAL C 305 -8.39 11.96 32.47
CA VAL C 305 -9.05 12.60 31.31
C VAL C 305 -9.08 11.52 30.27
N PHE C 306 -9.71 11.83 29.16
CA PHE C 306 -9.72 11.03 27.91
C PHE C 306 -8.93 11.77 26.84
N LEU C 307 -8.34 10.98 25.95
CA LEU C 307 -7.79 11.50 24.69
C LEU C 307 -8.42 10.64 23.60
N GLN C 308 -8.43 11.19 22.41
CA GLN C 308 -9.02 10.49 21.27
C GLN C 308 -8.49 11.15 20.04
N LEU C 309 -8.55 10.42 18.95
CA LEU C 309 -8.24 10.99 17.64
C LEU C 309 -9.52 11.61 17.14
N LYS C 310 -9.39 12.74 16.49
CA LYS C 310 -10.52 13.44 15.86
C LYS C 310 -10.08 13.88 14.47
N ARG C 311 -10.95 13.65 13.48
CA ARG C 311 -10.79 14.25 12.16
C ARG C 311 -11.28 15.68 12.26
N LYS C 312 -10.47 16.73 12.16
CA LYS C 312 -11.06 18.08 12.32
C LYS C 312 -11.90 18.40 11.09
N ARG C 313 -11.35 18.04 9.94
CA ARG C 313 -12.11 18.11 8.66
C ARG C 313 -13.48 17.43 8.73
N GLY C 314 -13.52 16.24 9.35
CA GLY C 314 -14.75 15.47 9.55
C GLY C 314 -15.38 15.78 10.89
N GLY C 315 -15.75 14.73 11.62
CA GLY C 315 -15.98 14.78 13.07
C GLY C 315 -15.86 13.40 13.70
N ASP C 316 -15.24 12.49 12.95
CA ASP C 316 -15.13 11.05 13.28
C ASP C 316 -14.09 10.93 14.38
N VAL C 317 -14.36 10.03 15.28
CA VAL C 317 -13.49 9.90 16.48
C VAL C 317 -13.00 8.47 16.59
N SER C 318 -11.82 8.32 17.21
CA SER C 318 -11.27 7.04 17.62
C SER C 318 -12.00 6.55 18.85
N ASP C 319 -11.81 5.30 19.19
CA ASP C 319 -12.16 4.76 20.54
C ASP C 319 -11.25 5.36 21.58
N SER C 320 -11.79 6.17 22.50
CA SER C 320 -11.00 7.04 23.43
C SER C 320 -10.32 6.23 24.55
N LYS C 321 -9.08 6.62 24.85
CA LYS C 321 -8.29 5.98 25.90
C LYS C 321 -8.13 7.04 26.98
N GLN C 322 -7.90 6.53 28.19
CA GLN C 322 -7.66 7.34 29.43
C GLN C 322 -6.22 7.81 29.53
N PHE C 323 -6.04 8.97 30.13
CA PHE C 323 -4.76 9.63 30.36
C PHE C 323 -4.86 10.21 31.75
N THR C 324 -3.78 10.08 32.50
CA THR C 324 -3.71 10.60 33.87
C THR C 324 -2.78 11.79 33.89
N TYR C 325 -3.31 12.83 34.51
CA TYR C 325 -2.55 14.03 34.82
C TYR C 325 -2.16 14.00 36.30
N TYR C 326 -0.89 14.27 36.58
CA TYR C 326 -0.40 14.16 37.96
C TYR C 326 -0.11 15.59 38.45
N PRO C 327 0.03 15.78 39.78
CA PRO C 327 0.48 17.05 40.39
C PRO C 327 1.96 17.40 40.20
N LEU C 328 2.36 18.57 40.69
CA LEU C 328 3.72 19.16 40.52
C LEU C 328 4.58 18.83 41.75
N VAL C 329 5.91 18.76 41.56
CA VAL C 329 6.96 18.52 42.61
C VAL C 329 6.31 17.92 43.86
#